data_5A8Z
#
_entry.id   5A8Z
#
_cell.length_a   73.119
_cell.length_b   73.119
_cell.length_c   70.162
_cell.angle_alpha   90.00
_cell.angle_beta   90.00
_cell.angle_gamma   120.00
#
_symmetry.space_group_name_H-M   'P 63'
#
loop_
_entity.id
_entity.type
_entity.pdbx_description
1 polymer 'Neutrophil elastase'
2 branched alpha-L-fucopyranose-(1-6)-2-acetamido-2-deoxy-beta-D-glucopyranose
3 non-polymer 2-acetamido-2-deoxy-beta-D-glucopyranose
4 non-polymer 4-[(4R)-7-methyl-2,5-bis(oxidanylidene)-1-[3-(trifluoromethyl)phenyl]-3,4,6,8-tetrahydropyrimido[4,5-d]pyridazin-4-yl]benzenecarbonitrile
5 water water
#
_entity_poly.entity_id   1
_entity_poly.type   'polypeptide(L)'
_entity_poly.pdbx_seq_one_letter_code
;IVGGRRARPHAWPFMVSLQLRGGHFCGATLIAPNFVMSAAHCVANVNVRAVRVVLGAHNLSRREPTRQVFAVQRIFENGY
DPVNLLNDIVILQLNGSATINANVQVAQLPAQGRRLGNGVQCLAMGWGLLGRNRGIASVLQELNVTVVTSLCRRSNVCTL
VRGRQAGVCFGDSGSPLVCNGLIHGIASFVRGGCASGLYPDAFAPVAQFVNWIDSIIQ
;
_entity_poly.pdbx_strand_id   A
#
loop_
_chem_comp.id
_chem_comp.type
_chem_comp.name
_chem_comp.formula
FUC L-saccharide, alpha linking alpha-L-fucopyranose 'C6 H12 O5'
IUL non-polymer 4-[(4R)-7-methyl-2,5-bis(oxidanylidene)-1-[3-(trifluoromethyl)phenyl]-3,4,6,8-tetrahydropyrimido[4,5-d]pyridazin-4-yl]benzenecarbonitrile 'C21 H16 F3 N5 O2'
NAG D-saccharide, beta linking 2-acetamido-2-deoxy-beta-D-glucopyranose 'C8 H15 N O6'
#
# COMPACT_ATOMS: atom_id res chain seq x y z
N ILE A 1 -6.13 7.91 -5.44
CA ILE A 1 -5.03 8.52 -6.25
C ILE A 1 -5.64 9.70 -7.03
N VAL A 2 -5.06 10.89 -6.80
CA VAL A 2 -5.39 12.12 -7.49
C VAL A 2 -4.44 12.35 -8.67
N GLY A 3 -5.00 12.55 -9.87
CA GLY A 3 -4.19 12.86 -11.07
C GLY A 3 -3.43 11.68 -11.67
N GLY A 4 -3.84 10.48 -11.27
CA GLY A 4 -3.24 9.23 -11.74
C GLY A 4 -3.95 8.74 -12.98
N ARG A 5 -3.89 7.44 -13.22
CA ARG A 5 -4.54 6.84 -14.40
C ARG A 5 -5.03 5.46 -14.02
N ARG A 6 -5.98 4.93 -14.78
CA ARG A 6 -6.41 3.54 -14.59
C ARG A 6 -5.26 2.60 -14.87
N ALA A 7 -5.04 1.66 -13.95
CA ALA A 7 -4.12 0.56 -14.23
C ALA A 7 -4.71 -0.38 -15.29
N ARG A 8 -3.84 -1.03 -16.08
CA ARG A 8 -4.24 -2.21 -16.86
C ARG A 8 -4.79 -3.24 -15.88
N PRO A 9 -5.90 -3.93 -16.24
CA PRO A 9 -6.43 -4.89 -15.29
C PRO A 9 -5.37 -5.94 -14.90
N HIS A 10 -5.23 -6.18 -13.59
CA HIS A 10 -4.32 -7.19 -13.03
C HIS A 10 -2.83 -6.98 -13.32
N ALA A 11 -2.45 -5.73 -13.53
CA ALA A 11 -1.07 -5.36 -13.80
C ALA A 11 -0.20 -5.47 -12.56
N TRP A 12 -0.82 -5.31 -11.39
CA TRP A 12 -0.13 -5.35 -10.08
C TRP A 12 -0.83 -6.43 -9.25
N PRO A 13 -0.56 -7.71 -9.54
CA PRO A 13 -1.40 -8.76 -8.97
C PRO A 13 -1.05 -9.03 -7.51
N PHE A 14 -0.03 -8.34 -7.00
CA PHE A 14 0.26 -8.28 -5.57
C PHE A 14 -0.63 -7.25 -4.83
N MET A 15 -1.44 -6.48 -5.56
CA MET A 15 -2.21 -5.36 -4.98
C MET A 15 -3.44 -5.91 -4.29
N VAL A 16 -3.69 -5.45 -3.06
CA VAL A 16 -4.74 -6.00 -2.20
C VAL A 16 -5.74 -4.90 -1.77
N SER A 17 -7.02 -5.24 -1.74
CA SER A 17 -8.03 -4.36 -1.17
C SER A 17 -8.47 -4.90 0.19
N LEU A 18 -8.33 -4.08 1.24
CA LEU A 18 -8.90 -4.43 2.55
C LEU A 18 -10.31 -3.85 2.62
N GLN A 19 -11.27 -4.70 3.01
CA GLN A 19 -12.67 -4.30 3.00
C GLN A 19 -13.40 -4.59 4.32
N LEU A 20 -14.44 -3.79 4.57
CA LEU A 20 -15.39 -4.00 5.65
C LEU A 20 -16.80 -3.89 5.10
N ARG A 21 -17.65 -4.85 5.43
CA ARG A 21 -19.00 -4.93 4.84
C ARG A 21 -19.05 -4.54 3.32
N GLY A 22 -18.17 -5.19 2.56
CA GLY A 22 -18.11 -5.04 1.09
C GLY A 22 -17.46 -3.77 0.55
N GLY A 23 -17.05 -2.85 1.44
CA GLY A 23 -16.49 -1.57 1.02
C GLY A 23 -15.02 -1.43 1.33
N HIS A 24 -14.26 -0.97 0.33
CA HIS A 24 -12.81 -0.72 0.45
C HIS A 24 -12.54 0.33 1.53
N PHE A 25 -11.59 0.04 2.41
CA PHE A 25 -11.11 1.12 3.29
C PHE A 25 -9.58 1.38 3.23
N CYS A 26 -8.82 0.37 2.77
CA CYS A 26 -7.35 0.47 2.73
C CYS A 26 -6.75 -0.49 1.70
N GLY A 27 -5.55 -0.16 1.21
CA GLY A 27 -4.79 -1.08 0.37
C GLY A 27 -3.89 -1.96 1.20
N ALA A 28 -3.25 -2.92 0.51
CA ALA A 28 -2.23 -3.81 1.10
C ALA A 28 -1.46 -4.51 -0.04
N THR A 29 -0.44 -5.26 0.32
CA THR A 29 0.45 -5.94 -0.63
C THR A 29 0.53 -7.39 -0.18
N LEU A 30 0.31 -8.32 -1.12
CA LEU A 30 0.50 -9.74 -0.83
C LEU A 30 1.98 -10.04 -0.80
N ILE A 31 2.47 -10.44 0.38
CA ILE A 31 3.90 -10.65 0.57
C ILE A 31 4.31 -12.13 0.73
N ALA A 32 3.32 -13.02 0.75
CA ALA A 32 3.46 -14.50 0.83
C ALA A 32 2.05 -14.99 0.59
N PRO A 33 1.86 -16.29 0.23
CA PRO A 33 0.48 -16.80 0.04
C PRO A 33 -0.48 -16.57 1.22
N ASN A 34 0.04 -16.51 2.45
CA ASN A 34 -0.80 -16.38 3.62
C ASN A 34 -0.56 -15.13 4.45
N PHE A 35 0.15 -14.16 3.87
CA PHE A 35 0.40 -12.88 4.53
C PHE A 35 0.24 -11.68 3.57
N VAL A 36 -0.44 -10.64 4.07
CA VAL A 36 -0.42 -9.31 3.44
C VAL A 36 0.29 -8.33 4.37
N MET A 37 0.76 -7.22 3.80
CA MET A 37 1.26 -6.14 4.63
C MET A 37 0.52 -4.85 4.29
N SER A 38 0.32 -4.01 5.29
CA SER A 38 -0.42 -2.77 5.12
C SER A 38 0.14 -1.71 6.09
N ALA A 39 -0.51 -0.56 6.17
CA ALA A 39 -0.20 0.46 7.18
C ALA A 39 -0.90 0.17 8.52
N ALA A 40 -0.17 0.38 9.61
CA ALA A 40 -0.73 0.21 10.97
C ALA A 40 -1.90 1.14 11.26
N HIS A 41 -1.87 2.37 10.71
CA HIS A 41 -3.02 3.27 10.86
C HIS A 41 -4.34 2.80 10.19
N CYS A 42 -4.23 1.93 9.19
CA CYS A 42 -5.38 1.31 8.55
C CYS A 42 -6.24 0.47 9.49
N VAL A 43 -5.59 -0.22 10.44
CA VAL A 43 -6.29 -1.11 11.37
C VAL A 43 -6.36 -0.63 12.83
N ALA A 44 -5.86 0.57 13.11
CA ALA A 44 -6.07 1.20 14.42
C ALA A 44 -7.57 1.45 14.57
N ASN A 45 -8.12 1.12 15.72
CA ASN A 45 -9.57 1.29 15.96
C ASN A 45 -10.54 0.49 15.07
N VAL A 46 -10.02 -0.43 14.25
CA VAL A 46 -10.88 -1.28 13.39
C VAL A 46 -11.12 -2.68 13.96
N ASN A 47 -12.35 -3.18 13.79
CA ASN A 47 -12.68 -4.56 14.12
C ASN A 47 -12.07 -5.53 13.10
N VAL A 48 -10.89 -6.05 13.43
CA VAL A 48 -10.05 -6.78 12.47
C VAL A 48 -10.60 -8.16 12.12
N ARG A 49 -11.46 -8.69 13.00
CA ARG A 49 -12.25 -9.90 12.74
C ARG A 49 -13.31 -9.65 11.67
N ALA A 50 -13.69 -8.39 11.48
CA ALA A 50 -14.61 -8.01 10.40
C ALA A 50 -13.87 -7.81 9.05
N VAL A 51 -12.55 -7.69 9.10
CA VAL A 51 -11.79 -7.34 7.88
C VAL A 51 -11.77 -8.46 6.86
N ARG A 52 -12.18 -8.12 5.64
CA ARG A 52 -12.06 -9.02 4.49
C ARG A 52 -10.89 -8.60 3.60
N VAL A 53 -10.03 -9.57 3.29
CA VAL A 53 -8.82 -9.36 2.50
C VAL A 53 -9.09 -9.82 1.08
N VAL A 54 -9.12 -8.86 0.16
CA VAL A 54 -9.56 -9.14 -1.19
C VAL A 54 -8.37 -9.15 -2.15
N LEU A 55 -8.10 -10.33 -2.70
CA LEU A 55 -6.99 -10.51 -3.66
C LEU A 55 -7.55 -10.57 -5.07
N GLY A 56 -6.73 -10.20 -6.06
CA GLY A 56 -7.11 -10.34 -7.49
C GLY A 56 -8.21 -9.43 -8.03
N ALA A 57 -8.42 -8.27 -7.39
CA ALA A 57 -9.44 -7.32 -7.81
C ALA A 57 -8.89 -6.26 -8.77
N HIS A 58 -9.79 -5.71 -9.57
CA HIS A 58 -9.43 -4.59 -10.43
C HIS A 58 -10.46 -3.48 -10.30
N ASN A 59 -11.70 -3.84 -10.59
CA ASN A 59 -12.82 -2.94 -10.57
C ASN A 59 -13.68 -3.29 -9.36
N LEU A 60 -13.61 -2.46 -8.33
CA LEU A 60 -14.27 -2.79 -7.05
C LEU A 60 -15.80 -2.70 -7.14
N SER A 61 -16.29 -1.95 -8.11
CA SER A 61 -17.74 -1.77 -8.33
C SER A 61 -18.42 -2.95 -9.05
N ARG A 62 -17.64 -4.00 -9.27
CA ARG A 62 -18.00 -5.09 -10.19
C ARG A 62 -17.88 -6.43 -9.46
N ARG A 63 -18.63 -7.41 -9.92
CA ARG A 63 -18.50 -8.78 -9.45
C ARG A 63 -17.35 -9.38 -10.26
N GLU A 64 -16.33 -9.91 -9.57
CA GLU A 64 -15.10 -10.35 -10.24
C GLU A 64 -14.68 -11.79 -9.87
N PRO A 65 -14.81 -12.74 -10.82
CA PRO A 65 -14.46 -14.14 -10.52
C PRO A 65 -12.96 -14.37 -10.23
N THR A 66 -12.11 -13.45 -10.69
CA THR A 66 -10.67 -13.48 -10.38
C THR A 66 -10.36 -13.26 -8.88
N ARG A 67 -11.32 -12.73 -8.12
CA ARG A 67 -11.12 -12.45 -6.68
C ARG A 67 -10.97 -13.65 -5.76
N GLN A 68 -10.06 -13.52 -4.79
CA GLN A 68 -9.97 -14.48 -3.67
C GLN A 68 -10.07 -13.70 -2.37
N VAL A 69 -10.97 -14.13 -1.50
CA VAL A 69 -11.27 -13.38 -0.26
C VAL A 69 -10.87 -14.19 0.96
N PHE A 70 -10.15 -13.51 1.87
CA PHE A 70 -9.68 -14.12 3.10
C PHE A 70 -10.10 -13.30 4.30
N ALA A 71 -10.10 -13.96 5.46
CA ALA A 71 -10.19 -13.31 6.77
C ALA A 71 -8.78 -13.17 7.35
N VAL A 72 -8.68 -12.39 8.42
CA VAL A 72 -7.43 -12.15 9.14
C VAL A 72 -7.34 -13.08 10.34
N GLN A 73 -6.28 -13.89 10.37
CA GLN A 73 -6.06 -14.86 11.44
C GLN A 73 -5.33 -14.25 12.66
N ARG A 74 -4.22 -13.55 12.38
CA ARG A 74 -3.39 -12.95 13.40
C ARG A 74 -2.88 -11.61 12.86
N ILE A 75 -2.53 -10.68 13.75
CA ILE A 75 -1.79 -9.48 13.33
C ILE A 75 -0.40 -9.36 13.99
N PHE A 76 0.56 -8.82 13.25
CA PHE A 76 1.92 -8.56 13.73
C PHE A 76 2.22 -7.09 13.52
N GLU A 77 2.68 -6.44 14.58
CA GLU A 77 2.98 -5.03 14.52
C GLU A 77 4.44 -4.83 14.93
N ASN A 78 4.97 -3.65 14.68
CA ASN A 78 6.41 -3.37 14.84
C ASN A 78 6.62 -1.98 15.49
N GLY A 79 5.89 -1.70 16.56
CA GLY A 79 6.14 -0.51 17.37
C GLY A 79 5.50 0.73 16.81
N TYR A 80 4.32 0.54 16.20
CA TYR A 80 3.56 1.65 15.65
C TYR A 80 3.52 2.79 16.65
N ASP A 81 3.91 3.98 16.20
CA ASP A 81 3.86 5.19 17.02
C ASP A 81 3.10 6.30 16.25
N PRO A 82 1.76 6.41 16.45
CA PRO A 82 0.98 7.42 15.71
C PRO A 82 1.43 8.85 15.98
N VAL A 83 1.77 9.18 17.24
CA VAL A 83 2.20 10.54 17.59
C VAL A 83 3.40 10.99 16.76
N ASN A 84 4.41 10.14 16.68
CA ASN A 84 5.65 10.49 15.98
C ASN A 84 5.69 10.07 14.50
N LEU A 85 4.57 9.52 14.05
CA LEU A 85 4.37 9.00 12.68
C LEU A 85 5.41 7.95 12.26
N LEU A 86 5.64 7.00 13.16
CA LEU A 86 6.72 6.01 12.99
C LEU A 86 6.21 4.58 12.94
N ASN A 87 6.92 3.75 12.18
CA ASN A 87 6.66 2.31 12.12
C ASN A 87 5.23 2.00 11.68
N ASP A 88 4.79 2.73 10.64
CA ASP A 88 3.45 2.58 10.13
C ASP A 88 3.30 1.34 9.23
N ILE A 89 3.44 0.17 9.87
CA ILE A 89 3.45 -1.12 9.20
C ILE A 89 2.78 -2.20 10.04
N VAL A 90 1.97 -3.03 9.39
CA VAL A 90 1.33 -4.18 10.05
C VAL A 90 1.36 -5.39 9.09
N ILE A 91 1.57 -6.60 9.63
CA ILE A 91 1.38 -7.83 8.84
C ILE A 91 0.13 -8.55 9.28
N LEU A 92 -0.72 -8.86 8.32
CA LEU A 92 -1.97 -9.59 8.57
C LEU A 92 -1.84 -11.00 8.00
N GLN A 93 -1.84 -11.98 8.89
CA GLN A 93 -1.85 -13.39 8.53
C GLN A 93 -3.27 -13.79 8.13
N LEU A 94 -3.38 -14.39 6.95
CA LEU A 94 -4.66 -14.79 6.41
C LEU A 94 -5.05 -16.16 6.99
N ASN A 95 -6.34 -16.45 6.97
CA ASN A 95 -6.89 -17.73 7.47
C ASN A 95 -6.68 -18.94 6.53
N GLY A 96 -6.05 -18.69 5.38
CA GLY A 96 -5.79 -19.71 4.36
C GLY A 96 -4.73 -19.11 3.44
N SER A 97 -4.30 -19.89 2.45
CA SER A 97 -3.31 -19.42 1.50
C SER A 97 -3.94 -19.08 0.17
N ALA A 98 -3.45 -18.02 -0.43
CA ALA A 98 -3.80 -17.61 -1.76
C ALA A 98 -3.44 -18.68 -2.80
N THR A 99 -4.22 -18.75 -3.87
CA THR A 99 -3.86 -19.49 -5.07
C THR A 99 -3.09 -18.57 -6.03
N ILE A 100 -1.80 -18.82 -6.15
CA ILE A 100 -0.95 -17.97 -6.99
C ILE A 100 -1.25 -18.21 -8.45
N ASN A 101 -1.69 -17.16 -9.13
CA ASN A 101 -2.03 -17.23 -10.55
C ASN A 101 -1.69 -15.92 -11.26
N ALA A 102 -2.22 -15.75 -12.46
CA ALA A 102 -2.08 -14.52 -13.24
C ALA A 102 -2.52 -13.29 -12.44
N ASN A 103 -3.56 -13.45 -11.64
CA ASN A 103 -4.24 -12.35 -10.97
C ASN A 103 -3.79 -12.13 -9.54
N VAL A 104 -2.98 -13.05 -9.01
CA VAL A 104 -2.64 -13.08 -7.58
C VAL A 104 -1.19 -13.56 -7.43
N GLN A 105 -0.31 -12.60 -7.20
CA GLN A 105 1.10 -12.86 -7.02
C GLN A 105 1.64 -12.24 -5.73
N VAL A 106 2.74 -12.81 -5.23
CA VAL A 106 3.54 -12.30 -4.14
C VAL A 106 4.48 -11.21 -4.68
N ALA A 107 4.50 -10.05 -4.01
CA ALA A 107 5.42 -8.96 -4.30
C ALA A 107 6.88 -9.29 -4.00
N GLN A 108 7.79 -8.58 -4.66
CA GLN A 108 9.21 -8.63 -4.36
C GLN A 108 9.62 -7.44 -3.49
N LEU A 109 10.40 -7.73 -2.45
CA LEU A 109 10.79 -6.72 -1.47
C LEU A 109 12.25 -6.35 -1.68
N PRO A 110 12.66 -5.19 -1.17
CA PRO A 110 14.08 -4.83 -1.29
C PRO A 110 14.94 -5.51 -0.20
N ALA A 111 16.27 -5.44 -0.38
CA ALA A 111 17.22 -5.78 0.67
C ALA A 111 17.09 -4.80 1.84
N GLN A 112 17.34 -5.31 3.06
CA GLN A 112 17.35 -4.52 4.29
C GLN A 112 18.26 -3.27 4.25
N GLY A 113 17.72 -2.16 4.74
CA GLY A 113 18.43 -0.90 4.79
C GLY A 113 18.68 -0.20 3.47
N ARG A 114 18.22 -0.76 2.36
CA ARG A 114 18.37 -0.13 1.04
C ARG A 114 17.67 1.24 1.02
N ARG A 115 18.44 2.31 0.86
CA ARG A 115 17.87 3.65 0.82
C ARG A 115 17.70 4.10 -0.65
N LEU A 116 16.63 4.87 -0.90
CA LEU A 116 16.33 5.36 -2.24
C LEU A 116 16.76 6.82 -2.36
N GLY A 117 17.48 7.11 -3.46
CA GLY A 117 18.00 8.46 -3.69
C GLY A 117 16.97 9.40 -4.29
N ASN A 118 17.15 10.69 -3.98
CA ASN A 118 16.46 11.77 -4.65
C ASN A 118 16.38 11.54 -6.16
N GLY A 119 15.16 11.51 -6.70
CA GLY A 119 14.97 11.33 -8.12
C GLY A 119 14.61 9.93 -8.58
N VAL A 120 14.61 8.95 -7.69
CA VAL A 120 14.16 7.61 -8.07
C VAL A 120 12.69 7.68 -8.52
N GLN A 121 12.39 6.97 -9.62
CA GLN A 121 11.05 6.94 -10.26
C GLN A 121 10.27 5.73 -9.80
N CYS A 122 9.08 6.00 -9.25
CA CYS A 122 8.25 4.98 -8.61
C CYS A 122 6.83 5.05 -9.12
N LEU A 123 6.09 4.01 -8.78
CA LEU A 123 4.68 3.95 -9.09
C LEU A 123 3.94 3.78 -7.76
N ALA A 124 3.14 4.79 -7.48
CA ALA A 124 2.13 4.73 -6.43
C ALA A 124 0.85 4.18 -7.05
N MET A 125 -0.03 3.61 -6.24
CA MET A 125 -1.29 3.04 -6.71
C MET A 125 -2.32 2.85 -5.60
N GLY A 126 -3.57 2.73 -5.99
CA GLY A 126 -4.64 2.41 -5.04
C GLY A 126 -6.04 2.75 -5.51
N TRP A 127 -7.01 2.39 -4.67
CA TRP A 127 -8.43 2.63 -4.89
C TRP A 127 -8.99 3.79 -4.04
N GLY A 128 -8.10 4.68 -3.61
CA GLY A 128 -8.53 5.88 -2.88
C GLY A 128 -9.21 6.97 -3.69
N LEU A 129 -9.56 8.03 -2.97
CA LEU A 129 -10.29 9.15 -3.56
C LEU A 129 -9.50 9.72 -4.70
N LEU A 130 -10.27 10.17 -5.68
CA LEU A 130 -9.74 10.66 -6.93
C LEU A 130 -9.43 12.15 -6.91
N GLY A 131 -9.86 12.87 -5.86
CA GLY A 131 -9.54 14.29 -5.71
C GLY A 131 -10.36 15.05 -4.66
N GLY A 135 -14.87 11.87 -6.75
CA GLY A 135 -15.31 10.55 -6.23
C GLY A 135 -14.21 9.67 -5.63
N ILE A 136 -14.58 8.46 -5.21
CA ILE A 136 -13.64 7.37 -4.85
C ILE A 136 -13.57 6.36 -6.02
N ALA A 137 -12.40 5.76 -6.22
CA ALA A 137 -12.13 4.96 -7.41
C ALA A 137 -12.79 3.58 -7.39
N SER A 138 -13.45 3.24 -8.50
CA SER A 138 -13.82 1.86 -8.80
C SER A 138 -12.65 1.03 -9.33
N VAL A 139 -12.01 1.53 -10.40
CA VAL A 139 -10.87 0.88 -11.04
C VAL A 139 -9.56 1.27 -10.37
N LEU A 140 -8.72 0.28 -10.10
CA LEU A 140 -7.38 0.54 -9.57
C LEU A 140 -6.63 1.62 -10.36
N GLN A 141 -6.16 2.64 -9.64
CA GLN A 141 -5.34 3.74 -10.21
C GLN A 141 -3.85 3.54 -9.96
N GLU A 142 -3.02 4.08 -10.87
CA GLU A 142 -1.59 4.17 -10.63
C GLU A 142 -1.11 5.57 -10.99
N LEU A 143 0.07 5.92 -10.52
CA LEU A 143 0.62 7.25 -10.74
C LEU A 143 2.13 7.28 -10.66
N ASN A 144 2.74 7.98 -11.60
CA ASN A 144 4.18 8.18 -11.58
C ASN A 144 4.58 9.21 -10.55
N VAL A 145 5.45 8.81 -9.62
CA VAL A 145 5.93 9.71 -8.57
C VAL A 145 7.46 9.64 -8.50
N THR A 146 8.07 10.73 -8.04
CA THR A 146 9.52 10.81 -7.83
C THR A 146 9.89 10.89 -6.35
N VAL A 147 10.84 10.04 -5.94
CA VAL A 147 11.38 10.13 -4.58
C VAL A 147 12.07 11.48 -4.28
N VAL A 148 11.78 11.99 -3.09
CA VAL A 148 12.34 13.26 -2.64
C VAL A 148 12.84 13.16 -1.18
N THR A 149 13.89 13.92 -0.85
CA THR A 149 14.38 13.97 0.53
C THR A 149 14.00 15.25 1.27
N SER A 150 13.68 16.32 0.54
CA SER A 150 13.25 17.59 1.16
C SER A 150 11.83 17.49 1.71
N LEU A 151 11.63 18.06 2.88
CA LEU A 151 10.36 17.97 3.61
C LEU A 151 9.96 16.51 3.92
N CYS A 152 10.98 15.64 3.96
CA CYS A 152 10.85 14.23 4.35
C CYS A 152 11.80 13.89 5.51
N ARG A 153 11.29 13.16 6.50
CA ARG A 153 12.13 12.63 7.57
C ARG A 153 12.82 11.31 7.14
N ARG A 154 13.93 10.97 7.79
CA ARG A 154 14.69 9.76 7.46
C ARG A 154 13.95 8.47 7.76
N SER A 155 12.88 8.57 8.55
CA SER A 155 11.99 7.46 8.84
C SER A 155 10.86 7.27 7.81
N ASN A 156 10.94 7.94 6.66
CA ASN A 156 10.01 7.70 5.58
C ASN A 156 10.74 7.66 4.26
N VAL A 157 10.13 7.01 3.28
CA VAL A 157 10.36 7.30 1.89
C VAL A 157 9.25 8.29 1.50
N CYS A 158 9.63 9.44 0.96
CA CYS A 158 8.64 10.42 0.48
C CYS A 158 8.71 10.62 -1.03
N THR A 159 7.56 10.88 -1.62
CA THR A 159 7.48 11.07 -3.09
C THR A 159 6.76 12.37 -3.43
N LEU A 160 7.09 12.95 -4.57
CA LEU A 160 6.41 14.17 -5.04
C LEU A 160 6.27 14.13 -6.56
N VAL A 161 5.06 14.43 -7.05
CA VAL A 161 4.82 14.73 -8.47
C VAL A 161 5.13 16.23 -8.75
N ARG A 162 6.14 16.47 -9.57
CA ARG A 162 6.53 17.85 -9.91
C ARG A 162 5.77 18.41 -11.12
N GLY A 163 5.45 19.71 -11.07
CA GLY A 163 4.83 20.41 -12.21
C GLY A 163 3.31 20.30 -12.34
N ARG A 164 2.68 19.70 -11.32
CA ARG A 164 1.23 19.54 -11.23
C ARG A 164 0.90 18.96 -9.86
N GLN A 165 -0.35 19.11 -9.43
CA GLN A 165 -0.85 18.62 -8.14
C GLN A 165 -1.46 17.21 -8.28
N ALA A 166 -0.75 16.22 -7.75
CA ALA A 166 -1.15 14.81 -7.81
C ALA A 166 -0.44 14.08 -6.67
N GLY A 167 -1.03 12.99 -6.20
CA GLY A 167 -0.44 12.15 -5.17
C GLY A 167 -1.45 11.18 -4.58
N VAL A 168 -1.10 10.55 -3.46
CA VAL A 168 -2.01 9.62 -2.85
C VAL A 168 -3.09 10.35 -2.06
N CYS A 169 -4.17 9.64 -1.75
CA CYS A 169 -5.27 10.26 -1.00
C CYS A 169 -5.94 9.23 -0.07
N PHE A 170 -7.01 9.64 0.62
CA PHE A 170 -7.69 8.76 1.57
C PHE A 170 -8.19 7.51 0.85
N GLY A 171 -8.05 6.35 1.48
CA GLY A 171 -8.35 5.03 0.83
C GLY A 171 -7.10 4.45 0.18
N ASP A 172 -6.07 5.28 -0.02
CA ASP A 172 -4.79 4.78 -0.54
C ASP A 172 -3.85 4.26 0.55
N SER A 173 -4.16 4.62 1.78
CA SER A 173 -3.49 4.12 2.99
C SER A 173 -3.20 2.65 2.89
N GLY A 174 -1.96 2.25 3.13
CA GLY A 174 -1.54 0.85 3.16
C GLY A 174 -1.09 0.29 1.83
N SER A 175 -1.36 1.03 0.76
CA SER A 175 -1.02 0.63 -0.60
C SER A 175 0.48 0.63 -0.85
N PRO A 176 0.96 -0.27 -1.74
CA PRO A 176 2.39 -0.28 -2.09
C PRO A 176 2.86 0.88 -2.98
N LEU A 177 4.13 1.23 -2.76
CA LEU A 177 4.93 2.06 -3.61
C LEU A 177 5.98 1.14 -4.26
N VAL A 178 5.90 1.03 -5.60
CA VAL A 178 6.78 0.16 -6.36
C VAL A 178 7.91 0.96 -6.98
N CYS A 179 9.15 0.60 -6.69
CA CYS A 179 10.31 1.33 -7.18
C CYS A 179 11.34 0.34 -7.69
N ASN A 180 11.61 0.45 -8.98
CA ASN A 180 12.45 -0.50 -9.71
C ASN A 180 11.98 -1.93 -9.50
N GLY A 181 10.66 -2.14 -9.47
CA GLY A 181 10.07 -3.48 -9.36
C GLY A 181 10.02 -4.04 -7.95
N LEU A 182 10.42 -3.26 -6.95
CA LEU A 182 10.37 -3.73 -5.58
C LEU A 182 9.43 -2.83 -4.76
N ILE A 183 8.78 -3.41 -3.78
CA ILE A 183 7.93 -2.65 -2.83
C ILE A 183 8.79 -1.93 -1.80
N HIS A 184 9.01 -0.66 -2.04
CA HIS A 184 9.78 0.21 -1.15
C HIS A 184 8.92 1.06 -0.22
N GLY A 185 7.62 1.08 -0.45
CA GLY A 185 6.77 1.98 0.35
C GLY A 185 5.45 1.38 0.70
N ILE A 186 4.87 1.84 1.81
CA ILE A 186 3.51 1.59 2.21
C ILE A 186 2.98 2.96 2.54
N ALA A 187 1.92 3.38 1.85
CA ALA A 187 1.39 4.76 1.98
C ALA A 187 0.93 5.04 3.39
N SER A 188 1.48 6.11 3.97
CA SER A 188 1.35 6.36 5.39
C SER A 188 0.64 7.67 5.66
N PHE A 189 1.14 8.79 5.14
CA PHE A 189 0.49 10.07 5.41
C PHE A 189 0.74 11.17 4.38
N VAL A 190 -0.20 12.10 4.32
CA VAL A 190 -0.06 13.27 3.48
C VAL A 190 -0.02 14.52 4.37
N ARG A 191 0.50 15.60 3.82
CA ARG A 191 0.40 16.92 4.45
C ARG A 191 -0.11 17.93 3.44
N GLY A 192 -0.86 18.92 3.93
CA GLY A 192 -1.41 19.94 3.07
C GLY A 192 -2.60 19.51 2.26
N GLY A 193 -3.28 18.47 2.75
CA GLY A 193 -4.34 17.81 1.99
C GLY A 193 -3.76 16.89 0.91
N CYS A 194 -4.60 16.13 0.23
CA CYS A 194 -4.09 15.32 -0.86
C CYS A 194 -3.64 16.23 -1.99
N ALA A 195 -2.59 15.83 -2.71
CA ALA A 195 -2.17 16.49 -3.96
C ALA A 195 -1.93 18.00 -3.82
N SER A 196 -1.30 18.42 -2.74
CA SER A 196 -1.01 19.86 -2.47
C SER A 196 -0.12 20.53 -3.54
N GLY A 197 0.72 19.72 -4.18
CA GLY A 197 1.79 20.19 -5.04
C GLY A 197 2.90 20.80 -4.19
N LEU A 198 2.84 20.60 -2.88
CA LEU A 198 3.84 21.20 -1.98
C LEU A 198 4.53 20.18 -1.07
N TYR A 199 3.75 19.47 -0.29
CA TYR A 199 4.28 18.51 0.64
C TYR A 199 4.39 17.14 -0.04
N PRO A 200 5.53 16.47 0.13
CA PRO A 200 5.58 15.12 -0.44
C PRO A 200 4.71 14.12 0.33
N ASP A 201 4.26 13.09 -0.36
CA ASP A 201 3.58 11.97 0.26
C ASP A 201 4.60 11.14 1.02
N ALA A 202 4.20 10.70 2.21
CA ALA A 202 5.10 9.91 3.07
C ALA A 202 4.66 8.44 3.06
N PHE A 203 5.62 7.55 2.90
CA PHE A 203 5.39 6.10 2.93
C PHE A 203 6.20 5.47 4.06
N ALA A 204 5.68 4.38 4.64
CA ALA A 204 6.53 3.55 5.52
C ALA A 204 7.70 2.96 4.71
N PRO A 205 8.95 3.07 5.22
CA PRO A 205 10.09 2.62 4.40
C PRO A 205 10.27 1.10 4.57
N VAL A 206 9.70 0.33 3.64
CA VAL A 206 9.69 -1.15 3.67
C VAL A 206 11.11 -1.73 3.87
N ALA A 207 12.11 -1.13 3.22
CA ALA A 207 13.48 -1.62 3.30
C ALA A 207 14.01 -1.62 4.74
N GLN A 208 13.54 -0.66 5.56
CA GLN A 208 13.86 -0.58 6.99
C GLN A 208 13.29 -1.75 7.79
N PHE A 209 12.27 -2.42 7.24
CA PHE A 209 11.58 -3.46 7.98
C PHE A 209 11.74 -4.85 7.40
N VAL A 210 12.70 -5.06 6.49
CA VAL A 210 12.80 -6.34 5.73
C VAL A 210 13.19 -7.58 6.56
N ASN A 211 14.24 -7.46 7.37
CA ASN A 211 14.57 -8.50 8.36
C ASN A 211 13.39 -8.88 9.24
N TRP A 212 12.65 -7.90 9.74
CA TRP A 212 11.43 -8.15 10.55
C TRP A 212 10.32 -8.86 9.75
N ILE A 213 10.08 -8.40 8.52
CA ILE A 213 9.12 -9.03 7.64
C ILE A 213 9.48 -10.48 7.37
N ASP A 214 10.75 -10.72 7.02
CA ASP A 214 11.27 -12.04 6.69
C ASP A 214 11.08 -13.02 7.82
N SER A 215 11.33 -12.55 9.04
CA SER A 215 11.25 -13.37 10.24
C SER A 215 9.84 -13.93 10.43
N ILE A 216 8.85 -13.18 9.99
CA ILE A 216 7.47 -13.55 10.20
C ILE A 216 6.98 -14.50 9.12
N ILE A 217 7.35 -14.20 7.88
CA ILE A 217 6.86 -14.94 6.72
C ILE A 217 7.77 -16.12 6.36
N GLN A 218 9.01 -16.11 6.86
CA GLN A 218 10.03 -17.16 6.63
C GLN A 218 11.01 -16.83 5.49
C1 NAG B . 6.09 6.07 -15.34
C2 NAG B . 7.40 6.44 -16.04
C3 NAG B . 7.76 5.38 -17.10
C4 NAG B . 7.68 3.99 -16.47
C5 NAG B . 6.38 3.80 -15.67
C6 NAG B . 6.38 2.47 -14.93
C7 NAG B . 7.87 8.83 -15.96
C8 NAG B . 8.20 10.03 -16.81
N2 NAG B . 7.38 7.78 -16.62
O3 NAG B . 9.07 5.58 -17.57
O4 NAG B . 7.78 2.97 -17.44
O5 NAG B . 6.30 4.83 -14.73
O6 NAG B . 7.25 2.61 -13.83
O7 NAG B . 8.04 8.87 -14.73
C1 FUC B . 8.29 1.59 -13.82
C2 FUC B . 9.40 2.03 -12.87
C3 FUC B . 8.94 2.04 -11.41
C4 FUC B . 8.28 0.70 -11.08
C5 FUC B . 7.28 0.22 -12.14
C6 FUC B . 6.83 -1.23 -11.93
O2 FUC B . 9.91 3.28 -13.25
O3 FUC B . 10.06 2.22 -10.57
O4 FUC B . 9.31 -0.24 -10.99
O5 FUC B . 7.81 0.31 -13.46
C1 NAG C . -11.23 -17.71 5.38
C2 NAG C . -11.86 -19.05 4.97
C3 NAG C . -12.76 -18.91 3.73
C4 NAG C . -13.74 -17.75 3.86
C5 NAG C . -12.96 -16.49 4.27
C6 NAG C . -13.89 -15.28 4.42
C7 NAG C . -10.69 -21.15 5.58
C8 NAG C . -11.56 -21.27 6.80
N2 NAG C . -10.85 -20.09 4.77
O3 NAG C . -13.49 -20.10 3.50
O4 NAG C . -14.44 -17.56 2.63
O5 NAG C . -12.25 -16.72 5.47
O6 NAG C . -14.62 -15.38 5.62
O7 NAG C . -9.85 -22.02 5.34
C1 FUC C . -15.57 -14.29 5.67
C2 FUC C . -16.79 -14.67 6.55
C3 FUC C . -16.53 -14.41 8.03
C4 FUC C . -15.92 -13.00 8.27
C5 FUC C . -14.67 -12.84 7.40
C6 FUC C . -14.04 -11.48 7.62
O2 FUC C . -17.14 -16.02 6.37
O3 FUC C . -17.72 -14.60 8.79
O4 FUC C . -16.83 -11.97 7.98
O5 FUC C . -15.01 -13.02 6.03
C1 NAG D . 9.94 1.77 -17.61
C2 NAG D . 9.05 0.73 -18.29
C3 NAG D . 9.91 0.04 -19.35
C4 NAG D . 10.51 1.09 -20.32
C5 NAG D . 10.86 2.45 -19.69
C6 NAG D . 10.72 3.58 -20.71
C7 NAG D . 7.11 -0.36 -17.29
C8 NAG D . 6.61 -1.33 -16.27
N2 NAG D . 8.44 -0.17 -17.34
O3 NAG D . 9.16 -0.92 -20.04
O4 NAG D . 11.69 0.55 -20.90
O5 NAG D . 10.09 2.82 -18.55
O6 NAG D . 11.40 4.71 -20.20
O7 NAG D . 6.31 0.22 -18.03
C1 IUL E . -0.65 8.67 11.68
C2 IUL E . -1.80 9.37 11.30
C3 IUL E . -2.26 9.29 9.99
C4 IUL E . -1.57 8.53 9.04
C5 IUL E . -0.43 7.85 9.40
C6 IUL E . 0.03 7.90 10.72
C7 IUL E . -3.48 10.09 9.54
N8 IUL E . -3.84 10.07 6.74
C9 IUL E . -3.06 11.00 7.31
N10 IUL E . -2.91 11.13 8.65
C11 IUL E . -3.84 9.99 5.32
C12 IUL E . -4.61 10.78 4.46
C13 IUL E . -4.53 10.62 3.09
C14 IUL E . -3.68 9.67 2.53
C15 IUL E . -2.90 8.86 3.35
C16 IUL E . -2.99 9.02 4.73
C17 IUL E . -1.95 7.87 2.73
F18 IUL E . -2.47 7.28 1.58
F19 IUL E . -0.75 8.53 2.40
F20 IUL E . -1.60 6.86 3.58
O21 IUL E . -2.45 11.76 6.60
C22 IUL E . 1.22 7.19 11.04
N23 IUL E . 2.19 6.63 11.22
C24 IUL E . -4.62 9.23 7.53
C25 IUL E . -4.50 9.20 8.89
C26 IUL E . -5.28 8.37 9.70
N27 IUL E . -6.25 7.64 9.15
N28 IUL E . -6.63 7.78 7.84
C29 IUL E . -5.64 8.34 6.89
O30 IUL E . -5.08 8.31 10.89
C31 IUL E . -7.84 8.60 7.81
#